data_4JMP
#
_entry.id   4JMP
#
_cell.length_a   36.332
_cell.length_b   88.666
_cell.length_c   39.405
_cell.angle_alpha   90.00
_cell.angle_beta   115.35
_cell.angle_gamma   90.00
#
_symmetry.space_group_name_H-M   'P 1 21 1'
#
loop_
_entity.id
_entity.type
_entity.pdbx_description
1 polymer 'C-terminal fragment of CapA, Protein tyrosine kinase'
2 water water
#
_entity_poly.entity_id   1
_entity_poly.type   'polypeptide(L)'
_entity_poly.pdbx_seq_one_letter_code
;MRGSHHHHHHGSLLDKRIKTEEDVESQLGLPILGSIQKFMTNTRRSTSSLIVHEQPKSPISEKFRGIRSNIMFANPDSAV
QSIVITSEAPGAGKSTIAANLAVAYAQAGYKTLIVDGDMRKPTQHYIFNLPNNEGLSSLLLNWSTYQDSIISTEIEDLDV
LTSGPIPPNPSELITSRAFANLYDTLLMNYNFVIIDTPPVNTVTDAQLFSKFTGNVVYVVNSENNNKDEVKKGKELIEAT
GAKLLGVVLNRMPKDKSASYYAYYGTDES
;
_entity_poly.pdbx_strand_id   A
#
# COMPACT_ATOMS: atom_id res chain seq x y z
N THR A 20 0.79 23.21 7.64
CA THR A 20 1.81 22.33 7.09
C THR A 20 1.28 21.55 5.88
N GLU A 21 0.05 21.06 5.97
CA GLU A 21 -0.59 20.39 4.85
C GLU A 21 -0.66 21.29 3.62
N GLU A 22 -1.04 22.54 3.82
CA GLU A 22 -1.21 23.45 2.71
C GLU A 22 0.15 23.78 2.10
N ASP A 23 1.19 23.83 2.94
CA ASP A 23 2.56 24.01 2.46
C ASP A 23 2.96 22.85 1.53
N VAL A 24 2.69 21.62 1.96
CA VAL A 24 3.07 20.46 1.17
C VAL A 24 2.26 20.36 -0.12
N GLU A 25 0.96 20.63 -0.03
CA GLU A 25 0.10 20.60 -1.21
C GLU A 25 0.64 21.54 -2.30
N SER A 26 1.04 22.73 -1.91
N SER A 26 1.03 22.74 -1.88
CA SER A 26 1.51 23.71 -2.89
CA SER A 26 1.54 23.76 -2.79
C SER A 26 2.94 23.44 -3.35
C SER A 26 2.93 23.44 -3.33
N GLN A 27 3.83 23.08 -2.43
CA GLN A 27 5.24 22.87 -2.80
C GLN A 27 5.44 21.60 -3.60
N LEU A 28 4.63 20.58 -3.32
CA LEU A 28 4.77 19.31 -4.01
C LEU A 28 3.78 19.20 -5.17
N GLY A 29 2.70 19.97 -5.11
CA GLY A 29 1.74 20.00 -6.19
C GLY A 29 0.87 18.75 -6.27
N LEU A 30 0.47 18.21 -5.12
CA LEU A 30 -0.40 17.03 -5.05
C LEU A 30 -1.46 17.21 -3.97
N PRO A 31 -2.65 16.62 -4.16
CA PRO A 31 -3.65 16.66 -3.09
C PRO A 31 -3.22 15.84 -1.88
N ILE A 32 -3.64 16.28 -0.69
CA ILE A 32 -3.37 15.55 0.52
C ILE A 32 -4.58 14.68 0.84
N LEU A 33 -4.39 13.37 0.83
CA LEU A 33 -5.45 12.42 1.15
C LEU A 33 -5.70 12.34 2.64
N GLY A 34 -4.65 12.56 3.42
CA GLY A 34 -4.76 12.62 4.87
C GLY A 34 -3.43 12.86 5.53
N SER A 35 -3.46 13.40 6.74
CA SER A 35 -2.27 13.56 7.57
C SER A 35 -2.40 12.68 8.81
N ILE A 36 -1.38 11.88 9.05
CA ILE A 36 -1.41 10.92 10.15
C ILE A 36 -0.39 11.29 11.21
N GLN A 37 -0.87 11.57 12.41
CA GLN A 37 0.01 11.90 13.53
C GLN A 37 0.81 10.70 13.98
N LYS A 38 1.93 10.98 14.65
CA LYS A 38 2.74 9.93 15.26
C LYS A 38 1.91 9.15 16.27
N PHE A 39 2.09 7.83 16.29
CA PHE A 39 1.49 6.99 17.33
C PHE A 39 2.34 5.75 17.58
N SER A 48 -0.50 -4.04 17.72
CA SER A 48 -0.27 -2.69 18.22
C SER A 48 -0.13 -1.68 17.09
N SER A 49 0.26 -2.13 15.91
CA SER A 49 0.40 -1.25 14.76
C SER A 49 -0.97 -0.81 14.23
N LEU A 50 -1.99 -1.60 14.54
CA LEU A 50 -3.29 -1.50 13.88
CA LEU A 50 -3.28 -1.47 13.88
C LEU A 50 -4.26 -0.62 14.69
N ILE A 51 -3.96 0.66 14.75
CA ILE A 51 -4.78 1.62 15.50
C ILE A 51 -6.24 1.64 15.02
N VAL A 52 -6.47 1.43 13.73
CA VAL A 52 -7.83 1.43 13.20
C VAL A 52 -8.65 0.29 13.78
N HIS A 53 -7.99 -0.84 14.07
CA HIS A 53 -8.65 -1.97 14.72
C HIS A 53 -8.75 -1.80 16.25
N GLU A 54 -7.64 -1.41 16.88
CA GLU A 54 -7.58 -1.38 18.35
C GLU A 54 -8.26 -0.17 18.96
N GLN A 55 -8.29 0.95 18.24
CA GLN A 55 -8.90 2.21 18.69
C GLN A 55 -9.78 2.80 17.58
N PRO A 56 -10.87 2.10 17.23
CA PRO A 56 -11.60 2.46 16.01
C PRO A 56 -12.21 3.86 16.04
N LYS A 57 -12.48 4.43 17.20
CA LYS A 57 -13.07 5.77 17.26
C LYS A 57 -12.04 6.89 17.38
N SER A 58 -10.75 6.56 17.39
CA SER A 58 -9.69 7.57 17.56
CA SER A 58 -9.73 7.59 17.59
C SER A 58 -9.68 8.58 16.42
N PRO A 59 -9.32 9.84 16.72
CA PRO A 59 -9.15 10.84 15.65
C PRO A 59 -8.19 10.35 14.55
N ILE A 60 -7.15 9.61 14.92
CA ILE A 60 -6.24 9.07 13.92
C ILE A 60 -6.93 8.04 13.03
N SER A 61 -7.69 7.14 13.63
CA SER A 61 -8.47 6.18 12.85
C SER A 61 -9.46 6.88 11.90
N GLU A 62 -10.06 7.97 12.35
CA GLU A 62 -10.96 8.74 11.50
C GLU A 62 -10.23 9.31 10.29
N LYS A 63 -8.97 9.70 10.45
CA LYS A 63 -8.17 10.19 9.32
C LYS A 63 -7.91 9.07 8.29
N PHE A 64 -7.76 7.83 8.74
CA PHE A 64 -7.65 6.69 7.82
C PHE A 64 -8.95 6.51 7.03
N ARG A 65 -10.09 6.68 7.71
CA ARG A 65 -11.36 6.65 7.00
C ARG A 65 -11.48 7.77 5.99
N GLY A 66 -10.93 8.94 6.32
CA GLY A 66 -10.87 10.05 5.40
C GLY A 66 -10.04 9.74 4.16
N ILE A 67 -8.94 9.02 4.33
CA ILE A 67 -8.12 8.62 3.17
C ILE A 67 -8.95 7.70 2.27
N ARG A 68 -9.60 6.70 2.86
CA ARG A 68 -10.48 5.78 2.14
C ARG A 68 -11.52 6.55 1.33
N SER A 69 -12.21 7.46 2.00
CA SER A 69 -13.25 8.25 1.37
CA SER A 69 -13.26 8.25 1.37
C SER A 69 -12.70 9.12 0.24
N ASN A 70 -11.57 9.76 0.49
CA ASN A 70 -10.94 10.62 -0.53
C ASN A 70 -10.53 9.84 -1.78
N ILE A 71 -10.09 8.59 -1.61
CA ILE A 71 -9.76 7.73 -2.75
C ILE A 71 -11.01 7.32 -3.53
N MET A 72 -12.06 6.95 -2.81
CA MET A 72 -13.23 6.34 -3.47
C MET A 72 -14.29 7.34 -3.97
N PHE A 73 -14.27 8.57 -3.47
CA PHE A 73 -15.28 9.55 -3.87
C PHE A 73 -14.70 10.72 -4.66
N ALA A 74 -13.42 10.64 -4.99
CA ALA A 74 -12.75 11.65 -5.79
C ALA A 74 -13.39 11.75 -7.17
N PRO A 76 -16.33 10.47 -9.19
CA PRO A 76 -17.39 10.18 -10.16
C PRO A 76 -17.06 9.02 -11.09
N ASP A 77 -16.12 9.22 -12.02
CA ASP A 77 -15.85 8.23 -13.06
C ASP A 77 -14.59 7.41 -12.81
N SER A 78 -14.00 7.56 -11.62
CA SER A 78 -12.94 6.67 -11.21
C SER A 78 -13.57 5.40 -10.64
N ALA A 79 -13.09 4.26 -11.12
CA ALA A 79 -13.40 2.98 -10.49
C ALA A 79 -12.09 2.41 -9.98
N VAL A 80 -11.70 2.84 -8.78
CA VAL A 80 -10.48 2.35 -8.16
C VAL A 80 -10.76 1.05 -7.42
N GLN A 81 -10.18 -0.05 -7.90
CA GLN A 81 -10.34 -1.34 -7.22
C GLN A 81 -9.04 -1.77 -6.54
N SER A 82 -7.95 -1.10 -6.86
CA SER A 82 -6.64 -1.47 -6.32
CA SER A 82 -6.66 -1.45 -6.28
C SER A 82 -5.68 -0.28 -6.33
N ILE A 83 -4.75 -0.28 -5.39
CA ILE A 83 -3.72 0.75 -5.29
C ILE A 83 -2.36 0.18 -4.94
N VAL A 84 -1.32 0.83 -5.44
CA VAL A 84 0.05 0.67 -4.94
C VAL A 84 0.28 1.71 -3.86
N ILE A 85 0.86 1.29 -2.74
CA ILE A 85 1.34 2.22 -1.73
C ILE A 85 2.87 2.19 -1.73
N THR A 86 3.47 3.37 -1.93
CA THR A 86 4.92 3.52 -1.87
C THR A 86 5.29 4.76 -1.07
N SER A 87 6.59 5.05 -0.96
CA SER A 87 7.07 6.18 -0.16
C SER A 87 8.32 6.77 -0.78
N GLU A 88 8.77 7.89 -0.23
CA GLU A 88 9.90 8.62 -0.82
C GLU A 88 11.27 7.99 -0.51
N ALA A 89 11.35 7.24 0.60
CA ALA A 89 12.60 6.75 1.13
C ALA A 89 12.29 5.75 2.24
N PRO A 90 13.28 4.95 2.67
CA PRO A 90 13.04 4.05 3.81
C PRO A 90 12.64 4.84 5.06
N GLY A 91 11.95 4.17 5.98
CA GLY A 91 11.65 4.74 7.28
C GLY A 91 10.50 5.73 7.34
N ALA A 92 9.63 5.69 6.32
CA ALA A 92 8.50 6.60 6.26
C ALA A 92 7.23 6.07 6.95
N GLY A 93 7.24 4.82 7.38
CA GLY A 93 6.07 4.22 8.04
C GLY A 93 5.00 3.77 7.05
N LYS A 94 5.43 3.64 5.80
CA LYS A 94 4.57 3.26 4.69
C LYS A 94 3.76 1.98 4.94
N SER A 95 4.42 0.96 5.48
CA SER A 95 3.76 -0.34 5.68
C SER A 95 2.66 -0.31 6.74
N THR A 96 2.88 0.49 7.79
CA THR A 96 1.88 0.71 8.82
C THR A 96 0.69 1.49 8.24
N ILE A 97 0.95 2.47 7.37
CA ILE A 97 -0.14 3.15 6.69
C ILE A 97 -0.95 2.18 5.83
N ALA A 98 -0.27 1.35 5.06
CA ALA A 98 -0.96 0.41 4.18
C ALA A 98 -1.87 -0.53 4.96
N ALA A 99 -1.36 -1.06 6.06
CA ALA A 99 -2.10 -2.00 6.89
C ALA A 99 -3.34 -1.36 7.53
N ASN A 100 -3.19 -0.17 8.07
CA ASN A 100 -4.32 0.51 8.67
C ASN A 100 -5.37 0.94 7.64
N LEU A 101 -4.91 1.34 6.45
CA LEU A 101 -5.85 1.67 5.39
C LEU A 101 -6.65 0.42 4.99
N ALA A 102 -5.98 -0.74 4.94
CA ALA A 102 -6.67 -1.99 4.64
C ALA A 102 -7.73 -2.32 5.69
N VAL A 103 -7.42 -2.12 6.98
CA VAL A 103 -8.44 -2.29 8.03
C VAL A 103 -9.62 -1.34 7.80
N ALA A 104 -9.35 -0.09 7.44
CA ALA A 104 -10.43 0.86 7.18
C ALA A 104 -11.34 0.40 6.03
N TYR A 105 -10.76 -0.13 4.95
CA TYR A 105 -11.58 -0.67 3.87
C TYR A 105 -12.42 -1.86 4.34
N ALA A 106 -11.81 -2.76 5.11
CA ALA A 106 -12.57 -3.92 5.60
C ALA A 106 -13.75 -3.49 6.49
N GLN A 107 -13.52 -2.53 7.36
CA GLN A 107 -14.57 -2.05 8.26
C GLN A 107 -15.71 -1.37 7.49
N ALA A 108 -15.38 -0.76 6.35
CA ALA A 108 -16.37 -0.08 5.51
C ALA A 108 -17.21 -1.06 4.69
N GLY A 109 -16.83 -2.33 4.72
CA GLY A 109 -17.59 -3.38 4.05
C GLY A 109 -16.95 -3.95 2.78
N TYR A 110 -15.72 -3.55 2.46
CA TYR A 110 -15.04 -4.12 1.29
C TYR A 110 -14.34 -5.43 1.67
N LYS A 111 -14.55 -6.49 0.89
CA LYS A 111 -13.71 -7.66 1.05
C LYS A 111 -12.33 -7.27 0.51
N THR A 112 -11.35 -7.22 1.42
CA THR A 112 -10.08 -6.55 1.17
C THR A 112 -8.90 -7.52 1.28
N LEU A 113 -7.94 -7.36 0.38
CA LEU A 113 -6.68 -8.08 0.44
C LEU A 113 -5.56 -7.08 0.50
N ILE A 114 -4.66 -7.26 1.46
CA ILE A 114 -3.38 -6.55 1.41
C ILE A 114 -2.27 -7.52 0.96
N VAL A 115 -1.53 -7.13 -0.07
CA VAL A 115 -0.43 -7.90 -0.63
C VAL A 115 0.89 -7.26 -0.23
N ASP A 116 1.80 -8.05 0.35
CA ASP A 116 3.13 -7.53 0.61
C ASP A 116 4.00 -7.70 -0.64
N GLY A 117 3.96 -6.69 -1.49
CA GLY A 117 4.77 -6.64 -2.69
C GLY A 117 6.17 -6.11 -2.46
N ASP A 118 6.57 -5.91 -1.21
CA ASP A 118 7.99 -5.69 -0.92
C ASP A 118 8.63 -7.05 -0.61
N MET A 119 9.21 -7.67 -1.65
CA MET A 119 9.84 -8.96 -1.51
C MET A 119 11.32 -8.82 -1.20
N ARG A 120 11.74 -7.61 -0.84
CA ARG A 120 13.12 -7.35 -0.45
C ARG A 120 13.25 -7.19 1.06
N LYS A 121 12.42 -6.32 1.63
CA LYS A 121 12.37 -6.10 3.07
C LYS A 121 10.92 -6.16 3.58
N PRO A 122 10.30 -7.35 3.51
CA PRO A 122 8.87 -7.47 3.85
C PRO A 122 8.55 -7.18 5.32
N THR A 123 7.38 -6.62 5.59
CA THR A 123 6.97 -6.38 6.97
C THR A 123 5.52 -6.72 7.30
N GLN A 124 4.70 -7.05 6.30
CA GLN A 124 3.28 -7.27 6.61
C GLN A 124 3.05 -8.51 7.47
N HIS A 125 3.92 -9.51 7.33
CA HIS A 125 3.82 -10.69 8.20
C HIS A 125 4.12 -10.33 9.65
N TYR A 126 5.00 -9.35 9.89
CA TYR A 126 5.24 -8.86 11.25
C TYR A 126 4.03 -8.10 11.78
N ILE A 127 3.51 -7.18 10.96
CA ILE A 127 2.36 -6.35 11.35
C ILE A 127 1.15 -7.19 11.74
N PHE A 128 0.89 -8.25 10.98
CA PHE A 128 -0.29 -9.08 11.23
C PHE A 128 0.00 -10.35 12.02
N ASN A 129 1.24 -10.53 12.46
CA ASN A 129 1.67 -11.69 13.24
C ASN A 129 1.40 -13.02 12.52
N LEU A 130 1.94 -13.13 11.32
CA LEU A 130 1.69 -14.29 10.46
C LEU A 130 3.00 -14.93 10.05
N PRO A 131 2.97 -16.24 9.75
CA PRO A 131 4.18 -16.87 9.22
C PRO A 131 4.46 -16.35 7.80
N ASN A 132 5.69 -16.47 7.34
CA ASN A 132 6.04 -16.03 5.99
C ASN A 132 6.74 -17.11 5.18
N ASN A 133 6.40 -18.37 5.45
CA ASN A 133 6.96 -19.49 4.70
C ASN A 133 6.30 -19.69 3.34
N GLU A 134 5.08 -19.20 3.23
CA GLU A 134 4.33 -19.18 1.97
C GLU A 134 3.78 -17.78 1.78
N GLY A 135 3.75 -17.32 0.53
CA GLY A 135 3.22 -15.99 0.24
C GLY A 135 3.37 -15.72 -1.24
N LEU A 136 3.54 -14.44 -1.58
CA LEU A 136 3.56 -14.02 -2.98
C LEU A 136 4.60 -14.77 -3.84
N SER A 137 5.85 -14.81 -3.37
CA SER A 137 6.91 -15.41 -4.18
C SER A 137 6.68 -16.90 -4.42
N SER A 138 6.29 -17.62 -3.37
CA SER A 138 6.05 -19.05 -3.50
C SER A 138 4.82 -19.35 -4.36
N LEU A 139 3.81 -18.49 -4.28
CA LEU A 139 2.62 -18.64 -5.10
C LEU A 139 2.95 -18.48 -6.58
N LEU A 140 3.71 -17.44 -6.90
CA LEU A 140 4.06 -17.16 -8.30
C LEU A 140 4.93 -18.28 -8.89
N LEU A 141 5.75 -18.91 -8.05
CA LEU A 141 6.64 -19.98 -8.51
C LEU A 141 6.08 -21.39 -8.35
N ASN A 142 4.82 -21.50 -7.93
CA ASN A 142 4.16 -22.80 -7.76
C ASN A 142 4.77 -23.67 -6.66
N TRP A 143 5.33 -23.03 -5.64
CA TRP A 143 5.79 -23.74 -4.45
C TRP A 143 4.70 -23.77 -3.37
N SER A 144 3.63 -22.98 -3.55
CA SER A 144 2.48 -23.01 -2.66
C SER A 144 1.21 -22.74 -3.45
N THR A 145 0.08 -23.21 -2.95
CA THR A 145 -1.20 -23.02 -3.65
C THR A 145 -1.83 -21.68 -3.30
N TYR A 146 -2.76 -21.24 -4.15
CA TYR A 146 -3.51 -20.00 -3.91
C TYR A 146 -4.16 -20.04 -2.54
N GLN A 147 -4.82 -21.15 -2.25
CA GLN A 147 -5.58 -21.30 -1.03
C GLN A 147 -4.70 -21.25 0.23
N ASP A 148 -3.48 -21.81 0.13
CA ASP A 148 -2.57 -21.83 1.26
C ASP A 148 -1.79 -20.52 1.44
N SER A 149 -1.62 -19.77 0.36
CA SER A 149 -0.74 -18.60 0.35
C SER A 149 -1.42 -17.35 0.90
N ILE A 150 -2.74 -17.29 0.82
CA ILE A 150 -3.52 -16.15 1.32
C ILE A 150 -4.14 -16.55 2.64
N ILE A 151 -3.99 -15.70 3.65
CA ILE A 151 -4.49 -15.99 4.99
C ILE A 151 -5.61 -15.04 5.37
N SER A 152 -6.70 -15.58 5.88
CA SER A 152 -7.76 -14.76 6.45
C SER A 152 -7.40 -14.38 7.87
N THR A 153 -7.36 -13.08 8.15
CA THR A 153 -7.04 -12.59 9.49
C THR A 153 -8.25 -12.71 10.42
N GLU A 154 -8.06 -12.35 11.68
CA GLU A 154 -9.17 -12.33 12.62
C GLU A 154 -10.04 -11.09 12.45
N ILE A 155 -9.64 -10.18 11.56
CA ILE A 155 -10.43 -9.00 11.23
C ILE A 155 -11.35 -9.33 10.06
N GLU A 156 -12.66 -9.19 10.26
CA GLU A 156 -13.64 -9.53 9.25
C GLU A 156 -13.33 -8.82 7.92
N ASP A 157 -13.39 -9.56 6.83
CA ASP A 157 -13.20 -9.01 5.47
C ASP A 157 -11.77 -8.55 5.15
N LEU A 158 -10.79 -9.01 5.94
CA LEU A 158 -9.39 -8.66 5.66
C LEU A 158 -8.53 -9.91 5.54
N ASP A 159 -8.01 -10.13 4.33
CA ASP A 159 -7.03 -11.19 4.06
C ASP A 159 -5.66 -10.58 3.81
N VAL A 160 -4.61 -11.37 4.03
CA VAL A 160 -3.23 -10.92 3.79
C VAL A 160 -2.46 -11.95 2.95
N LEU A 161 -1.80 -11.49 1.89
CA LEU A 161 -0.84 -12.27 1.12
C LEU A 161 0.53 -11.72 1.50
N THR A 162 1.24 -12.42 2.37
CA THR A 162 2.59 -12.03 2.76
C THR A 162 3.56 -12.21 1.59
N SER A 163 4.81 -11.79 1.77
CA SER A 163 5.75 -11.74 0.64
C SER A 163 6.20 -13.13 0.19
N GLY A 164 6.20 -14.10 1.10
CA GLY A 164 6.87 -15.37 0.87
C GLY A 164 8.38 -15.23 1.01
N PRO A 165 9.11 -16.33 0.72
CA PRO A 165 10.57 -16.30 0.78
C PRO A 165 11.16 -15.20 -0.12
N ILE A 166 12.27 -14.61 0.31
CA ILE A 166 12.91 -13.53 -0.42
C ILE A 166 13.55 -14.07 -1.69
N PRO A 167 13.11 -13.60 -2.86
CA PRO A 167 13.63 -14.10 -4.14
C PRO A 167 14.87 -13.31 -4.58
N PRO A 168 15.70 -13.90 -5.45
CA PRO A 168 16.87 -13.18 -5.97
C PRO A 168 16.48 -12.19 -7.06
N ASN A 169 15.29 -12.36 -7.62
CA ASN A 169 14.87 -11.64 -8.80
C ASN A 169 13.47 -11.05 -8.67
N PRO A 170 13.22 -10.20 -7.66
CA PRO A 170 11.85 -9.74 -7.42
C PRO A 170 11.19 -9.05 -8.63
N SER A 171 11.94 -8.24 -9.36
CA SER A 171 11.46 -7.53 -10.55
CA SER A 171 11.34 -7.53 -10.47
C SER A 171 10.89 -8.49 -11.59
N GLU A 172 11.60 -9.62 -11.76
CA GLU A 172 11.20 -10.60 -12.75
C GLU A 172 9.86 -11.24 -12.38
N LEU A 173 9.64 -11.47 -11.10
CA LEU A 173 8.38 -12.02 -10.62
CA LEU A 173 8.38 -12.03 -10.64
C LEU A 173 7.22 -11.05 -10.85
N ILE A 174 7.47 -9.77 -10.58
CA ILE A 174 6.42 -8.76 -10.71
C ILE A 174 5.97 -8.64 -12.17
N THR A 175 6.91 -8.76 -13.09
CA THR A 175 6.62 -8.59 -14.52
C THR A 175 6.34 -9.91 -15.24
N SER A 176 6.12 -10.97 -14.49
CA SER A 176 5.86 -12.28 -15.08
C SER A 176 4.41 -12.45 -15.51
N ARG A 177 4.17 -13.37 -16.44
CA ARG A 177 2.81 -13.74 -16.81
C ARG A 177 2.08 -14.30 -15.58
N ALA A 178 2.83 -14.98 -14.72
CA ALA A 178 2.28 -15.53 -13.49
C ALA A 178 1.65 -14.44 -12.63
N PHE A 179 2.34 -13.31 -12.46
CA PHE A 179 1.74 -12.22 -11.71
C PHE A 179 0.54 -11.60 -12.42
N ALA A 180 0.63 -11.39 -13.73
CA ALA A 180 -0.50 -10.85 -14.49
C ALA A 180 -1.75 -11.70 -14.29
N ASN A 181 -1.59 -13.02 -14.37
CA ASN A 181 -2.69 -13.94 -14.14
C ASN A 181 -3.22 -13.91 -12.71
N LEU A 182 -2.31 -13.87 -11.74
CA LEU A 182 -2.72 -13.77 -10.34
C LEU A 182 -3.51 -12.49 -10.09
N TYR A 183 -3.02 -11.36 -10.60
CA TYR A 183 -3.70 -10.08 -10.42
C TYR A 183 -5.15 -10.12 -10.90
N ASP A 184 -5.38 -10.71 -12.07
CA ASP A 184 -6.74 -10.89 -12.59
C ASP A 184 -7.61 -11.72 -11.64
N THR A 185 -7.05 -12.79 -11.09
CA THR A 185 -7.76 -13.59 -10.10
C THR A 185 -8.10 -12.78 -8.83
N LEU A 186 -7.15 -11.97 -8.36
CA LEU A 186 -7.40 -11.18 -7.16
C LEU A 186 -8.58 -10.21 -7.34
N LEU A 187 -8.67 -9.59 -8.52
CA LEU A 187 -9.75 -8.66 -8.82
C LEU A 187 -11.11 -9.36 -8.89
N MET A 188 -11.11 -10.66 -9.18
CA MET A 188 -12.34 -11.44 -9.17
C MET A 188 -12.81 -11.76 -7.77
N ASN A 189 -11.87 -11.88 -6.84
CA ASN A 189 -12.16 -12.38 -5.49
C ASN A 189 -12.24 -11.32 -4.39
N TYR A 190 -11.79 -10.10 -4.68
CA TYR A 190 -11.75 -9.01 -3.69
C TYR A 190 -12.40 -7.73 -4.21
N ASN A 191 -13.06 -7.01 -3.31
CA ASN A 191 -13.60 -5.69 -3.66
C ASN A 191 -12.52 -4.62 -3.69
N PHE A 192 -11.43 -4.83 -2.95
CA PHE A 192 -10.33 -3.87 -2.92
C PHE A 192 -9.02 -4.60 -2.62
N VAL A 193 -7.98 -4.22 -3.35
CA VAL A 193 -6.65 -4.79 -3.18
C VAL A 193 -5.61 -3.69 -2.95
N ILE A 194 -4.85 -3.79 -1.86
CA ILE A 194 -3.77 -2.84 -1.56
C ILE A 194 -2.43 -3.57 -1.70
N ILE A 195 -1.53 -3.04 -2.52
CA ILE A 195 -0.20 -3.63 -2.68
C ILE A 195 0.85 -2.71 -2.04
N ASP A 196 1.38 -3.14 -0.90
CA ASP A 196 2.51 -2.46 -0.30
C ASP A 196 3.75 -2.77 -1.16
N THR A 197 4.64 -1.79 -1.34
CA THR A 197 5.79 -1.92 -2.23
C THR A 197 7.02 -1.27 -1.58
N PRO A 198 8.23 -1.55 -2.10
CA PRO A 198 9.40 -0.83 -1.56
C PRO A 198 9.30 0.67 -1.87
N PRO A 199 10.06 1.50 -1.12
CA PRO A 199 10.13 2.92 -1.47
C PRO A 199 10.57 3.09 -2.92
N VAL A 200 10.24 4.24 -3.49
CA VAL A 200 10.43 4.45 -4.92
C VAL A 200 11.82 5.03 -5.25
N ASN A 201 12.62 5.34 -4.24
CA ASN A 201 13.88 6.03 -4.50
C ASN A 201 14.99 5.22 -5.19
N THR A 202 15.07 3.91 -4.97
CA THR A 202 16.19 3.13 -5.51
C THR A 202 15.82 1.97 -6.41
N VAL A 203 14.68 1.32 -6.15
CA VAL A 203 14.24 0.24 -7.04
C VAL A 203 12.91 0.59 -7.70
N THR A 204 12.61 -0.10 -8.80
CA THR A 204 11.44 0.26 -9.60
C THR A 204 10.24 -0.66 -9.37
N ASP A 205 10.29 -1.46 -8.31
CA ASP A 205 9.22 -2.41 -8.02
C ASP A 205 7.83 -1.74 -7.97
N ALA A 206 7.74 -0.60 -7.27
CA ALA A 206 6.47 0.11 -7.17
C ALA A 206 5.93 0.49 -8.54
N GLN A 207 6.81 1.00 -9.41
CA GLN A 207 6.43 1.38 -10.75
C GLN A 207 5.91 0.17 -11.54
N LEU A 208 6.59 -0.97 -11.39
CA LEU A 208 6.21 -2.18 -12.12
C LEU A 208 4.82 -2.68 -11.68
N PHE A 209 4.52 -2.62 -10.38
CA PHE A 209 3.18 -2.99 -9.90
C PHE A 209 2.10 -2.02 -10.39
N SER A 210 2.49 -0.75 -10.59
CA SER A 210 1.53 0.29 -10.99
CA SER A 210 1.55 0.30 -10.99
C SER A 210 0.94 0.04 -12.38
N LYS A 211 1.61 -0.75 -13.20
CA LYS A 211 1.04 -1.18 -14.47
C LYS A 211 -0.32 -1.83 -14.24
N PHE A 212 -0.41 -2.61 -13.18
CA PHE A 212 -1.61 -3.40 -12.89
C PHE A 212 -2.69 -2.61 -12.17
N THR A 213 -2.31 -1.85 -11.15
CA THR A 213 -3.30 -1.08 -10.39
C THR A 213 -3.78 0.19 -11.08
N GLY A 214 -2.90 0.83 -11.86
CA GLY A 214 -3.23 2.09 -12.50
C GLY A 214 -3.33 3.26 -11.53
N ASN A 215 -3.01 3.02 -10.26
CA ASN A 215 -3.26 3.96 -9.17
C ASN A 215 -2.21 3.84 -8.08
N VAL A 216 -1.69 4.98 -7.63
CA VAL A 216 -0.64 5.02 -6.61
C VAL A 216 -0.99 6.03 -5.51
N VAL A 217 -0.76 5.62 -4.27
CA VAL A 217 -0.81 6.51 -3.11
C VAL A 217 0.63 6.69 -2.59
N TYR A 218 1.03 7.95 -2.40
CA TYR A 218 2.41 8.31 -2.07
C TYR A 218 2.47 8.70 -0.60
N VAL A 219 3.09 7.86 0.22
CA VAL A 219 3.33 8.17 1.64
C VAL A 219 4.61 8.98 1.77
N VAL A 220 4.50 10.16 2.37
CA VAL A 220 5.65 11.04 2.57
C VAL A 220 5.90 11.20 4.07
N ASN A 221 7.12 10.90 4.49
CA ASN A 221 7.53 11.15 5.88
C ASN A 221 7.71 12.64 6.11
N SER A 222 6.82 13.25 6.90
CA SER A 222 6.90 14.68 7.13
C SER A 222 8.18 15.08 7.86
N GLU A 223 8.85 14.12 8.48
CA GLU A 223 10.09 14.40 9.20
C GLU A 223 11.32 14.43 8.28
N ASN A 224 11.14 14.02 7.03
CA ASN A 224 12.24 13.99 6.07
C ASN A 224 12.58 15.38 5.58
N ASN A 225 13.76 15.86 5.96
CA ASN A 225 14.20 17.19 5.58
C ASN A 225 14.79 17.27 4.17
N ASN A 226 15.01 16.11 3.55
CA ASN A 226 15.51 16.05 2.18
C ASN A 226 14.34 16.20 1.21
N LYS A 227 14.01 17.43 0.86
CA LYS A 227 12.88 17.67 -0.02
C LYS A 227 13.19 17.30 -1.48
N ASP A 228 14.48 17.23 -1.85
CA ASP A 228 14.83 16.69 -3.16
C ASP A 228 14.33 15.26 -3.32
N GLU A 229 14.43 14.47 -2.25
CA GLU A 229 13.93 13.09 -2.26
C GLU A 229 12.41 13.07 -2.42
N VAL A 230 11.74 13.95 -1.69
CA VAL A 230 10.29 14.02 -1.76
C VAL A 230 9.81 14.41 -3.16
N LYS A 231 10.45 15.42 -3.76
CA LYS A 231 10.08 15.83 -5.10
C LYS A 231 10.42 14.78 -6.15
N LYS A 232 11.59 14.15 -6.01
CA LYS A 232 12.01 13.11 -6.94
C LYS A 232 11.03 11.92 -6.95
N GLY A 233 10.52 11.55 -5.78
CA GLY A 233 9.56 10.46 -5.69
C GLY A 233 8.29 10.74 -6.49
N LYS A 234 7.80 11.97 -6.40
CA LYS A 234 6.66 12.38 -7.22
C LYS A 234 6.96 12.22 -8.71
N GLU A 235 8.13 12.70 -9.14
CA GLU A 235 8.56 12.60 -10.54
C GLU A 235 8.60 11.14 -11.00
N LEU A 236 9.15 10.28 -10.17
CA LEU A 236 9.26 8.87 -10.52
C LEU A 236 7.89 8.22 -10.66
N ILE A 237 6.96 8.55 -9.77
CA ILE A 237 5.61 7.99 -9.85
C ILE A 237 4.87 8.54 -11.08
N GLU A 238 4.98 9.83 -11.33
CA GLU A 238 4.30 10.40 -12.50
C GLU A 238 4.82 9.82 -13.82
N ALA A 239 6.09 9.44 -13.86
CA ALA A 239 6.68 8.85 -15.07
C ALA A 239 6.07 7.48 -15.43
N THR A 240 5.34 6.86 -14.50
CA THR A 240 4.64 5.60 -14.80
C THR A 240 3.39 5.82 -15.64
N GLY A 241 2.86 7.04 -15.61
CA GLY A 241 1.56 7.29 -16.22
C GLY A 241 0.36 6.81 -15.41
N ALA A 242 0.61 6.13 -14.29
CA ALA A 242 -0.50 5.76 -13.38
C ALA A 242 -1.05 7.01 -12.72
N LYS A 243 -2.29 6.93 -12.23
CA LYS A 243 -2.88 8.05 -11.49
C LYS A 243 -2.24 8.15 -10.10
N LEU A 244 -1.63 9.29 -9.80
CA LEU A 244 -1.13 9.56 -8.46
C LEU A 244 -2.28 10.18 -7.69
N LEU A 245 -2.96 9.37 -6.88
CA LEU A 245 -4.20 9.78 -6.23
C LEU A 245 -3.95 10.91 -5.23
N GLY A 246 -2.79 10.89 -4.60
CA GLY A 246 -2.44 11.93 -3.66
C GLY A 246 -1.45 11.45 -2.62
N VAL A 247 -1.23 12.28 -1.62
CA VAL A 247 -0.20 12.05 -0.61
C VAL A 247 -0.83 11.73 0.75
N VAL A 248 -0.23 10.77 1.45
CA VAL A 248 -0.49 10.61 2.88
C VAL A 248 0.73 11.13 3.61
N LEU A 249 0.54 12.20 4.38
CA LEU A 249 1.62 12.79 5.16
C LEU A 249 1.71 12.09 6.49
N ASN A 250 2.83 11.44 6.78
CA ASN A 250 2.96 10.60 7.96
C ASN A 250 3.89 11.22 8.99
N ARG A 251 3.75 10.77 10.23
CA ARG A 251 4.55 11.20 11.38
C ARG A 251 4.41 12.69 11.65
N MET A 252 3.20 13.19 11.45
CA MET A 252 2.90 14.59 11.73
C MET A 252 2.85 14.86 13.24
N PRO A 253 3.20 16.09 13.64
CA PRO A 253 3.10 16.46 15.06
C PRO A 253 1.64 16.64 15.48
N LYS A 254 1.41 16.73 16.79
CA LYS A 254 0.07 17.00 17.32
C LYS A 254 -0.32 18.45 17.06
#